data_4WP6
#
_entry.id   4WP6
#
_cell.length_a   113.817
_cell.length_b   33.100
_cell.length_c   43.495
_cell.angle_alpha   90.00
_cell.angle_beta   91.65
_cell.angle_gamma   90.00
#
_symmetry.space_group_name_H-M   'C 1 2 1'
#
loop_
_entity.id
_entity.type
_entity.pdbx_description
1 polymer 'mRNA export protein'
2 water water
#
_entity_poly.entity_id   1
_entity_poly.type   'polypeptide(L)'
_entity_poly.pdbx_seq_one_letter_code
;GSHHHHHHSQDPMQAAQETKQKLTSCLARRYNAEQKLLDLSALGTDETLSSLGSFNNQSLAEKSFKALMHLVSNEYKDPE
QKNEAIQAVSLARNDILDVGQVYSLAVTLPRLRRLDLSGNNLENLSKISKWQQEFRFLEELHLTGNPVTTLPNYATEIKK
WFPSLQILDGQQIRTPQEAAESL
;
_entity_poly.pdbx_strand_id   A
#
# COMPACT_ATOMS: atom_id res chain seq x y z
N THR A 19 19.92 -12.99 8.85
CA THR A 19 18.77 -12.09 8.97
C THR A 19 18.46 -11.43 7.63
N LYS A 20 19.46 -10.74 7.08
CA LYS A 20 19.34 -10.19 5.73
C LYS A 20 19.06 -11.31 4.73
N GLN A 21 19.70 -12.46 4.94
CA GLN A 21 19.47 -13.60 4.08
C GLN A 21 18.04 -14.11 4.25
N LYS A 22 17.61 -14.24 5.49
CA LYS A 22 16.26 -14.71 5.79
C LYS A 22 15.18 -13.75 5.28
N LEU A 23 15.38 -12.46 5.47
CA LEU A 23 14.42 -11.45 5.00
C LEU A 23 14.39 -11.35 3.49
N THR A 24 15.56 -11.50 2.87
CA THR A 24 15.65 -11.46 1.42
C THR A 24 14.90 -12.63 0.82
N SER A 25 15.08 -13.78 1.44
CA SER A 25 14.40 -15.00 1.01
C SER A 25 12.89 -14.86 1.15
N CYS A 26 12.45 -14.24 2.24
CA CYS A 26 11.03 -14.02 2.48
C CYS A 26 10.42 -13.12 1.39
N LEU A 27 11.11 -12.00 1.09
CA LEU A 27 10.66 -11.06 0.06
C LEU A 27 10.60 -11.71 -1.31
N ALA A 28 11.57 -12.57 -1.61
CA ALA A 28 11.62 -13.26 -2.90
C ALA A 28 10.44 -14.20 -3.06
N ARG A 29 10.12 -14.91 -1.98
CA ARG A 29 9.01 -15.86 -1.98
C ARG A 29 7.70 -15.10 -2.14
N ARG A 30 7.65 -13.87 -1.65
CA ARG A 30 6.43 -13.10 -1.64
C ARG A 30 6.24 -12.21 -2.85
N TYR A 31 7.26 -12.18 -3.72
CA TYR A 31 7.16 -11.37 -4.93
C TYR A 31 6.61 -12.19 -6.10
N ASN A 32 5.51 -11.70 -6.67
CA ASN A 32 4.91 -12.26 -7.87
C ASN A 32 5.26 -11.37 -9.07
N ALA A 33 6.18 -11.83 -9.91
CA ALA A 33 6.64 -11.05 -11.06
C ALA A 33 5.54 -10.81 -12.10
N GLU A 34 4.67 -11.79 -12.30
CA GLU A 34 3.61 -11.68 -13.29
C GLU A 34 2.65 -10.56 -12.94
N GLN A 35 2.34 -10.40 -11.65
CA GLN A 35 1.44 -9.35 -11.18
C GLN A 35 2.17 -8.10 -10.73
N LYS A 36 3.50 -8.15 -10.75
CA LYS A 36 4.33 -7.03 -10.28
C LYS A 36 3.92 -6.70 -8.85
N LEU A 37 3.77 -7.75 -8.05
CA LEU A 37 3.12 -7.63 -6.74
C LEU A 37 4.02 -8.15 -5.65
N LEU A 38 4.17 -7.36 -4.58
CA LEU A 38 4.87 -7.80 -3.38
C LEU A 38 3.81 -8.05 -2.30
N ASP A 39 3.67 -9.31 -1.93
CA ASP A 39 2.62 -9.74 -1.00
C ASP A 39 3.18 -9.76 0.41
N LEU A 40 2.91 -8.69 1.17
CA LEU A 40 3.36 -8.60 2.55
C LEU A 40 2.18 -8.82 3.49
N SER A 41 1.19 -9.58 3.04
CA SER A 41 0.05 -9.90 3.90
C SER A 41 0.41 -10.86 5.02
N ALA A 42 -0.23 -10.70 6.17
CA ALA A 42 -0.13 -11.66 7.28
C ALA A 42 1.31 -12.02 7.65
N LEU A 43 2.19 -11.02 7.78
CA LEU A 43 3.58 -11.30 8.14
C LEU A 43 3.69 -12.06 9.45
N GLY A 44 2.79 -11.79 10.38
CA GLY A 44 2.82 -12.44 11.67
C GLY A 44 2.75 -13.96 11.56
N THR A 45 2.28 -14.46 10.42
CA THR A 45 2.19 -15.90 10.15
C THR A 45 3.33 -16.40 9.25
N ASP A 46 4.29 -15.52 8.96
CA ASP A 46 5.47 -15.85 8.15
C ASP A 46 5.15 -16.14 6.69
N LEU A 60 3.11 -5.23 10.73
CA LEU A 60 3.28 -5.42 12.17
C LEU A 60 4.06 -4.24 12.78
N ALA A 61 5.31 -4.48 13.16
CA ALA A 61 6.10 -3.48 13.88
C ALA A 61 6.76 -2.49 12.90
N GLU A 62 6.69 -1.21 13.25
CA GLU A 62 7.25 -0.14 12.42
C GLU A 62 8.73 -0.29 12.08
N LYS A 63 9.51 -0.74 13.06
CA LYS A 63 10.94 -0.90 12.87
C LYS A 63 11.21 -2.19 12.10
N SER A 64 10.36 -3.19 12.30
CA SER A 64 10.47 -4.41 11.50
C SER A 64 10.05 -4.13 10.06
N PHE A 65 9.08 -3.24 9.87
CA PHE A 65 8.65 -2.92 8.52
C PHE A 65 9.71 -2.06 7.83
N LYS A 66 10.30 -1.14 8.56
CA LYS A 66 11.33 -0.28 7.98
C LYS A 66 12.48 -1.11 7.42
N ALA A 67 12.79 -2.21 8.10
CA ALA A 67 13.85 -3.13 7.67
C ALA A 67 13.52 -3.80 6.34
N LEU A 68 12.26 -4.19 6.16
CA LEU A 68 11.84 -4.75 4.90
C LEU A 68 11.99 -3.71 3.82
N MET A 69 11.58 -2.48 4.14
CA MET A 69 11.59 -1.43 3.12
C MET A 69 13.02 -1.11 2.72
N HIS A 70 13.94 -1.10 3.68
CA HIS A 70 15.35 -0.90 3.38
C HIS A 70 15.85 -1.99 2.44
N LEU A 71 15.46 -3.22 2.70
CA LEU A 71 15.88 -4.32 1.85
C LEU A 71 15.31 -4.17 0.44
N VAL A 72 14.03 -3.81 0.32
CA VAL A 72 13.48 -3.69 -1.03
C VAL A 72 14.15 -2.52 -1.76
N SER A 73 14.51 -1.47 -1.04
CA SER A 73 15.22 -0.36 -1.68
C SER A 73 16.61 -0.77 -2.15
N ASN A 74 17.24 -1.70 -1.43
CA ASN A 74 18.60 -2.12 -1.75
C ASN A 74 18.67 -3.15 -2.87
N GLU A 75 17.53 -3.73 -3.20
CA GLU A 75 17.45 -4.76 -4.23
C GLU A 75 17.84 -4.20 -5.59
N TYR A 76 17.34 -2.99 -5.86
CA TYR A 76 17.43 -2.39 -7.19
C TYR A 76 18.42 -1.23 -7.20
N LYS A 77 19.37 -1.29 -8.12
CA LYS A 77 20.36 -0.23 -8.30
C LYS A 77 19.73 0.98 -8.99
N ASP A 78 18.69 0.72 -9.77
CA ASP A 78 17.96 1.75 -10.50
C ASP A 78 16.56 1.89 -9.89
N PRO A 79 16.20 3.10 -9.42
CA PRO A 79 14.85 3.29 -8.87
C PRO A 79 13.78 3.01 -9.92
N GLU A 80 14.13 3.26 -11.18
CA GLU A 80 13.19 3.04 -12.26
C GLU A 80 12.83 1.56 -12.35
N GLN A 81 13.80 0.69 -12.12
CA GLN A 81 13.53 -0.72 -12.21
C GLN A 81 12.64 -1.14 -11.02
N LYS A 82 12.95 -0.60 -9.85
CA LYS A 82 12.15 -0.84 -8.65
C LYS A 82 10.70 -0.42 -8.88
N ASN A 83 10.52 0.77 -9.46
CA ASN A 83 9.19 1.34 -9.67
C ASN A 83 8.39 0.46 -10.62
N GLU A 84 9.09 -0.08 -11.62
CA GLU A 84 8.42 -0.95 -12.58
C GLU A 84 8.20 -2.37 -12.05
N ALA A 85 9.05 -2.85 -11.13
CA ALA A 85 8.98 -4.22 -10.66
C ALA A 85 7.87 -4.41 -9.62
N ILE A 86 7.69 -3.42 -8.76
CA ILE A 86 6.73 -3.50 -7.68
C ILE A 86 5.68 -2.42 -7.84
N GLN A 87 4.64 -2.76 -8.60
CA GLN A 87 3.54 -1.84 -8.88
C GLN A 87 2.39 -2.00 -7.91
N ALA A 88 2.40 -3.13 -7.21
CA ALA A 88 1.32 -3.50 -6.31
C ALA A 88 1.90 -4.07 -5.01
N VAL A 89 1.28 -3.72 -3.88
CA VAL A 89 1.63 -4.29 -2.60
C VAL A 89 0.37 -4.70 -1.84
N SER A 90 0.46 -5.84 -1.17
CA SER A 90 -0.54 -6.20 -0.15
C SER A 90 0.07 -6.13 1.23
N LEU A 91 -0.65 -5.42 2.09
CA LEU A 91 -0.37 -5.36 3.52
C LEU A 91 -1.60 -5.84 4.25
N ALA A 92 -2.36 -6.71 3.60
CA ALA A 92 -3.59 -7.18 4.20
C ALA A 92 -3.32 -8.04 5.44
N ARG A 93 -4.28 -8.00 6.38
CA ARG A 93 -4.29 -8.96 7.48
C ARG A 93 -3.06 -8.87 8.35
N ASN A 94 -2.71 -7.65 8.76
CA ASN A 94 -1.52 -7.41 9.56
C ASN A 94 -1.84 -6.66 10.87
N ASP A 95 -3.12 -6.65 11.24
CA ASP A 95 -3.63 -5.88 12.42
C ASP A 95 -3.06 -4.46 12.48
N ILE A 96 -3.03 -3.80 11.32
CA ILE A 96 -2.53 -2.43 11.24
C ILE A 96 -3.60 -1.48 11.76
N LEU A 97 -3.21 -0.70 12.78
CA LEU A 97 -4.13 0.25 13.40
C LEU A 97 -4.02 1.66 12.81
N ASP A 98 -2.86 1.97 12.22
CA ASP A 98 -2.58 3.30 11.69
C ASP A 98 -1.55 3.10 10.60
N VAL A 99 -1.68 3.80 9.49
CA VAL A 99 -0.72 3.65 8.41
C VAL A 99 0.67 4.18 8.82
N GLY A 100 0.74 4.93 9.92
CA GLY A 100 2.03 5.25 10.50
C GLY A 100 2.86 4.01 10.76
N GLN A 101 2.21 2.88 11.03
CA GLN A 101 2.90 1.62 11.28
C GLN A 101 3.72 1.16 10.07
N VAL A 102 3.26 1.52 8.87
CA VAL A 102 3.87 1.07 7.62
C VAL A 102 4.20 2.28 6.75
N TYR A 103 4.45 3.41 7.41
CA TYR A 103 4.49 4.68 6.70
C TYR A 103 5.45 4.66 5.51
N SER A 104 6.64 4.08 5.69
CA SER A 104 7.73 4.22 4.72
C SER A 104 7.46 3.53 3.38
N LEU A 105 6.38 2.76 3.27
CA LEU A 105 5.98 2.24 1.96
C LEU A 105 5.82 3.39 0.96
N ALA A 106 5.34 4.52 1.47
CA ALA A 106 5.09 5.69 0.63
C ALA A 106 6.37 6.32 0.13
N VAL A 107 7.46 6.13 0.89
CA VAL A 107 8.76 6.67 0.52
C VAL A 107 9.52 5.73 -0.38
N THR A 108 9.36 4.45 -0.10
CA THR A 108 10.09 3.41 -0.78
C THR A 108 9.50 3.12 -2.17
N LEU A 109 8.16 3.20 -2.28
CA LEU A 109 7.48 2.96 -3.54
C LEU A 109 6.52 4.08 -3.88
N PRO A 110 7.07 5.25 -4.19
CA PRO A 110 6.24 6.42 -4.46
C PRO A 110 5.35 6.26 -5.69
N ARG A 111 5.72 5.37 -6.61
CA ARG A 111 4.91 5.20 -7.82
C ARG A 111 3.99 4.00 -7.75
N LEU A 112 3.73 3.54 -6.53
CA LEU A 112 2.84 2.39 -6.34
C LEU A 112 1.49 2.62 -6.99
N ARG A 113 0.95 1.59 -7.64
CA ARG A 113 -0.32 1.71 -8.36
C ARG A 113 -1.48 1.00 -7.67
N ARG A 114 -1.19 -0.09 -6.98
CA ARG A 114 -2.22 -0.87 -6.29
C ARG A 114 -1.82 -1.18 -4.85
N LEU A 115 -2.74 -0.97 -3.92
CA LEU A 115 -2.49 -1.25 -2.51
C LEU A 115 -3.66 -1.95 -1.83
N ASP A 116 -3.37 -3.08 -1.23
CA ASP A 116 -4.36 -3.85 -0.46
C ASP A 116 -4.09 -3.70 1.03
N LEU A 117 -4.97 -2.99 1.73
CA LEU A 117 -4.91 -2.87 3.18
C LEU A 117 -6.10 -3.57 3.85
N SER A 118 -6.74 -4.48 3.11
CA SER A 118 -7.90 -5.23 3.60
C SER A 118 -7.58 -5.98 4.87
N GLY A 119 -8.59 -6.13 5.72
CA GLY A 119 -8.48 -7.04 6.84
C GLY A 119 -7.53 -6.57 7.92
N ASN A 120 -7.41 -5.26 8.07
CA ASN A 120 -6.65 -4.66 9.16
C ASN A 120 -7.64 -4.01 10.12
N ASN A 121 -7.20 -3.07 10.93
CA ASN A 121 -8.10 -2.45 11.89
C ASN A 121 -7.91 -0.94 11.90
N LEU A 122 -7.95 -0.35 10.71
CA LEU A 122 -7.90 1.09 10.56
C LEU A 122 -9.29 1.64 10.86
N GLU A 123 -9.42 2.32 11.99
CA GLU A 123 -10.73 2.61 12.53
C GLU A 123 -11.38 3.86 12.00
N ASN A 124 -10.59 4.85 11.61
CA ASN A 124 -11.19 6.08 11.14
C ASN A 124 -10.19 6.80 10.23
N LEU A 125 -10.60 7.94 9.69
CA LEU A 125 -9.78 8.57 8.65
C LEU A 125 -8.46 9.10 9.21
N SER A 126 -8.41 9.37 10.51
CA SER A 126 -7.18 9.88 11.11
C SER A 126 -6.11 8.79 11.08
N LYS A 127 -6.55 7.53 10.93
CA LYS A 127 -5.60 6.42 10.87
C LYS A 127 -4.98 6.26 9.49
N ILE A 128 -5.46 7.04 8.53
CA ILE A 128 -4.95 7.04 7.15
C ILE A 128 -4.28 8.37 6.76
N SER A 129 -4.53 9.43 7.54
CA SER A 129 -4.15 10.79 7.14
C SER A 129 -2.64 11.05 7.10
N LYS A 130 -1.84 10.17 7.69
CA LYS A 130 -0.40 10.31 7.56
C LYS A 130 0.04 10.07 6.12
N TRP A 131 -0.83 9.50 5.29
CA TRP A 131 -0.50 9.35 3.88
C TRP A 131 -1.15 10.39 2.97
N GLN A 132 -1.70 11.44 3.56
CA GLN A 132 -2.04 12.60 2.76
C GLN A 132 -0.79 13.09 2.05
N GLN A 133 -0.99 13.48 0.79
CA GLN A 133 0.06 14.04 -0.06
C GLN A 133 1.09 12.99 -0.47
N GLU A 134 0.77 11.71 -0.22
CA GLU A 134 1.61 10.61 -0.68
C GLU A 134 0.79 9.71 -1.60
N PHE A 135 1.46 8.70 -2.17
CA PHE A 135 0.82 7.77 -3.13
C PHE A 135 0.03 8.54 -4.17
N ARG A 136 0.70 9.49 -4.81
CA ARG A 136 0.07 10.39 -5.77
C ARG A 136 -0.36 9.63 -7.04
N PHE A 137 0.20 8.44 -7.25
CA PHE A 137 -0.04 7.67 -8.47
C PHE A 137 -0.87 6.42 -8.21
N LEU A 138 -1.28 6.24 -6.97
CA LEU A 138 -2.07 5.08 -6.60
C LEU A 138 -3.41 5.07 -7.32
N GLU A 139 -3.73 3.95 -7.96
CA GLU A 139 -4.95 3.81 -8.79
C GLU A 139 -6.02 2.94 -8.17
N GLU A 140 -5.58 2.00 -7.35
CA GLU A 140 -6.48 1.02 -6.70
C GLU A 140 -6.12 0.85 -5.24
N LEU A 141 -7.14 0.91 -4.40
CA LEU A 141 -6.96 0.82 -2.95
C LEU A 141 -8.06 -0.05 -2.40
N HIS A 142 -7.68 -0.99 -1.55
CA HIS A 142 -8.62 -1.85 -0.85
C HIS A 142 -8.52 -1.64 0.67
N LEU A 143 -9.64 -1.28 1.28
CA LEU A 143 -9.74 -1.14 2.73
C LEU A 143 -10.84 -1.98 3.32
N THR A 144 -11.48 -2.82 2.49
CA THR A 144 -12.49 -3.74 2.99
C THR A 144 -12.09 -4.41 4.30
N GLY A 145 -13.01 -4.42 5.25
CA GLY A 145 -12.79 -5.07 6.54
C GLY A 145 -12.24 -4.16 7.62
N ASN A 146 -11.81 -2.94 7.24
CA ASN A 146 -11.45 -1.91 8.23
C ASN A 146 -12.67 -1.07 8.62
N PRO A 147 -12.82 -0.75 9.92
CA PRO A 147 -13.98 0.03 10.36
C PRO A 147 -14.13 1.39 9.69
N VAL A 148 -13.04 2.01 9.25
CA VAL A 148 -13.11 3.30 8.58
C VAL A 148 -14.08 3.25 7.37
N THR A 149 -14.24 2.08 6.74
CA THR A 149 -15.00 2.01 5.49
C THR A 149 -16.49 2.31 5.67
N THR A 150 -16.99 2.23 6.90
CA THR A 150 -18.42 2.39 7.15
C THR A 150 -18.76 3.78 7.69
N LEU A 151 -17.75 4.63 7.86
CA LEU A 151 -18.00 6.01 8.26
C LEU A 151 -18.56 6.84 7.09
N PRO A 152 -19.44 7.80 7.40
CA PRO A 152 -20.20 8.52 6.36
C PRO A 152 -19.38 9.21 5.27
N ASN A 153 -18.24 9.79 5.61
CA ASN A 153 -17.44 10.56 4.63
C ASN A 153 -16.22 9.81 4.08
N TYR A 154 -16.22 8.49 4.26
CA TYR A 154 -15.09 7.64 3.89
C TYR A 154 -14.67 7.75 2.42
N ALA A 155 -15.58 7.39 1.52
CA ALA A 155 -15.21 7.35 0.11
C ALA A 155 -14.95 8.74 -0.42
N THR A 156 -15.70 9.73 0.05
CA THR A 156 -15.51 11.11 -0.40
C THR A 156 -14.13 11.63 -0.02
N GLU A 157 -13.71 11.37 1.21
CA GLU A 157 -12.42 11.90 1.66
C GLU A 157 -11.26 11.14 1.01
N ILE A 158 -11.36 9.82 0.91
CA ILE A 158 -10.29 9.03 0.32
C ILE A 158 -10.08 9.44 -1.13
N LYS A 159 -11.17 9.60 -1.88
CA LYS A 159 -11.10 10.13 -3.25
C LYS A 159 -10.34 11.46 -3.29
N LYS A 160 -10.71 12.39 -2.41
CA LYS A 160 -10.05 13.71 -2.33
C LYS A 160 -8.56 13.63 -2.04
N TRP A 161 -8.15 12.70 -1.19
CA TRP A 161 -6.77 12.63 -0.74
C TRP A 161 -5.81 11.98 -1.74
N PHE A 162 -6.33 11.09 -2.59
CA PHE A 162 -5.49 10.32 -3.51
C PHE A 162 -5.93 10.56 -4.95
N PRO A 163 -5.27 11.50 -5.64
CA PRO A 163 -5.78 12.06 -6.90
C PRO A 163 -5.82 11.10 -8.08
N SER A 164 -5.05 10.02 -8.04
CA SER A 164 -5.00 9.08 -9.16
C SER A 164 -5.93 7.89 -8.94
N LEU A 165 -6.60 7.87 -7.79
CA LEU A 165 -7.35 6.69 -7.42
C LEU A 165 -8.55 6.51 -8.33
N GLN A 166 -8.66 5.33 -8.95
CA GLN A 166 -9.80 5.02 -9.80
C GLN A 166 -10.70 3.99 -9.15
N ILE A 167 -10.12 3.10 -8.35
CA ILE A 167 -10.89 2.03 -7.70
C ILE A 167 -10.65 2.03 -6.20
N LEU A 168 -11.76 2.04 -5.47
CA LEU A 168 -11.75 1.93 -4.02
C LEU A 168 -12.67 0.79 -3.65
N ASP A 169 -12.10 -0.24 -3.04
CA ASP A 169 -12.89 -1.40 -2.63
C ASP A 169 -13.69 -1.96 -3.80
N GLY A 170 -13.06 -1.99 -4.97
CA GLY A 170 -13.71 -2.57 -6.13
C GLY A 170 -14.76 -1.68 -6.77
N GLN A 171 -14.99 -0.50 -6.21
CA GLN A 171 -15.94 0.46 -6.79
C GLN A 171 -15.19 1.51 -7.57
N GLN A 172 -15.62 1.77 -8.79
CA GLN A 172 -14.98 2.80 -9.59
C GLN A 172 -15.35 4.15 -9.04
N ILE A 173 -14.36 4.91 -8.60
CA ILE A 173 -14.64 6.25 -8.06
C ILE A 173 -14.15 7.36 -8.98
N ARG A 174 -13.31 7.02 -9.96
CA ARG A 174 -13.02 7.91 -11.07
C ARG A 174 -13.04 7.11 -12.34
N THR A 175 -13.71 7.64 -13.35
CA THR A 175 -13.59 7.09 -14.68
C THR A 175 -12.15 7.31 -15.12
N PRO A 176 -11.67 6.52 -16.09
CA PRO A 176 -10.30 6.72 -16.60
C PRO A 176 -10.05 8.13 -17.14
N GLN A 177 -11.02 8.73 -17.83
CA GLN A 177 -10.87 10.09 -18.34
C GLN A 177 -10.81 11.11 -17.19
N GLU A 178 -11.63 10.88 -16.16
CA GLU A 178 -11.58 11.72 -14.98
C GLU A 178 -10.20 11.67 -14.35
N ALA A 179 -9.64 10.47 -14.29
CA ALA A 179 -8.34 10.31 -13.67
C ALA A 179 -7.25 10.98 -14.51
N ALA A 180 -7.40 10.94 -15.83
CA ALA A 180 -6.40 11.54 -16.70
C ALA A 180 -6.27 13.05 -16.44
N GLU A 181 -7.29 13.63 -15.82
CA GLU A 181 -7.34 15.06 -15.55
C GLU A 181 -7.09 15.43 -14.09
N SER A 182 -7.13 14.46 -13.19
CA SER A 182 -7.05 14.75 -11.76
C SER A 182 -5.69 15.32 -11.32
#